data_7ZVD
#
_entry.id   7ZVD
#
_cell.length_a   60.220
_cell.length_b   172.220
_cell.length_c   216.480
_cell.angle_alpha   90.00
_cell.angle_beta   90.00
_cell.angle_gamma   90.00
#
_symmetry.space_group_name_H-M   'F 2 2 2'
#
loop_
_entity.id
_entity.type
_entity.pdbx_description
1 polymer 'Glucose-6-phosphate 1-dehydrogenase'
2 non-polymer 'NADP NICOTINAMIDE-ADENINE-DINUCLEOTIDE PHOSPHATE'
3 water water
#
_entity_poly.entity_id   1
_entity_poly.type   'polypeptide(L)'
_entity_poly.pdbx_seq_one_letter_code
;QSDTHIFIIMGASGDLAKKKIYPTIWWLFRDGLLPENTFIVGYARSRLTVADIRKQSEPFF(ALY)ATPEEKLKLEDFFA
RNSYVAGQYDDAASYQRLNSHMNALHLGSQANRLFYLALPPTVYEAVTKNIHESCMSQIGWNRIIVEKPFGRDLQSSDRL
SNHISSLFREDQIYRIDHYLGKEMVQNLMVLRFANRIFGPIWNRDNIACVILTFKEPFGTEGRGGYFDEFGIIRDVMQNH
LLQMLCLVAMEKPASTNSDDVRDEKVKVLKCISEVQANNVVLGQYVGNPDGEGEATKGYLDDPTVPRGSTTATFAAVVLY
VENERWDGVPFILRCGKALNERKAEVRLQFHDVAGDIFHQQCKRNELVIRVQPNEAVYTKMMTKKPGMFFNPEESELDLT
YGNRYKNVKLPDAYERLILDVFCGSQMHFVRSDELREAWRIFTPLLHQIELEKPKPIPYIYGSRGPTEADELMKRVGFQY
EGTYKWVN
;
_entity_poly.pdbx_strand_id   N
#
loop_
_chem_comp.id
_chem_comp.type
_chem_comp.name
_chem_comp.formula
NAP non-polymer 'NADP NICOTINAMIDE-ADENINE-DINUCLEOTIDE PHOSPHATE' 'C21 H28 N7 O17 P3'
#
# COMPACT_ATOMS: atom_id res chain seq x y z
N GLN A 1 6.31 6.62 26.82
CA GLN A 1 6.89 7.83 27.47
C GLN A 1 5.80 8.44 28.36
N SER A 2 6.24 9.36 29.25
CA SER A 2 5.44 10.22 30.12
C SER A 2 5.10 11.58 29.45
N ASP A 3 5.85 11.93 28.38
CA ASP A 3 5.59 13.03 27.46
C ASP A 3 4.12 13.05 27.02
N THR A 4 3.57 14.25 26.90
CA THR A 4 2.22 14.39 26.41
C THR A 4 2.25 14.29 24.89
N HIS A 5 1.16 13.77 24.30
CA HIS A 5 1.09 13.59 22.87
C HIS A 5 -0.26 14.08 22.37
N ILE A 6 -0.16 14.78 21.25
CA ILE A 6 -1.31 15.40 20.63
C ILE A 6 -1.30 14.85 19.23
N PHE A 7 -2.41 14.18 18.92
CA PHE A 7 -2.75 13.62 17.64
C PHE A 7 -3.82 14.53 17.03
N ILE A 8 -3.43 15.33 16.03
CA ILE A 8 -4.36 16.23 15.37
C ILE A 8 -4.93 15.59 14.13
N ILE A 9 -6.25 15.41 14.07
CA ILE A 9 -6.88 14.94 12.85
C ILE A 9 -7.33 16.14 11.99
N MET A 10 -6.46 16.59 11.06
CA MET A 10 -6.83 17.63 10.10
C MET A 10 -7.83 17.02 9.12
N GLY A 11 -9.05 17.57 9.10
CA GLY A 11 -10.13 17.00 8.31
C GLY A 11 -11.00 16.02 9.10
N ALA A 12 -11.22 16.33 10.38
CA ALA A 12 -11.99 15.45 11.25
C ALA A 12 -13.45 15.24 10.82
N SER A 13 -14.04 16.17 10.06
CA SER A 13 -15.42 16.05 9.58
C SER A 13 -15.62 14.93 8.57
N GLY A 14 -14.62 14.63 7.73
CA GLY A 14 -14.81 13.82 6.51
C GLY A 14 -14.88 12.32 6.80
N ASP A 15 -15.10 11.57 5.71
CA ASP A 15 -15.38 10.14 5.75
C ASP A 15 -14.19 9.29 6.18
N LEU A 16 -12.99 9.64 5.74
CA LEU A 16 -11.80 8.91 6.14
C LEU A 16 -11.58 9.02 7.66
N ALA A 17 -11.69 10.23 8.17
CA ALA A 17 -11.56 10.47 9.60
C ALA A 17 -12.66 9.75 10.41
N LYS A 18 -13.90 9.77 9.90
CA LYS A 18 -15.10 9.21 10.53
C LYS A 18 -15.04 7.69 10.67
N LYS A 19 -14.54 7.03 9.61
CA LYS A 19 -14.63 5.59 9.41
C LYS A 19 -13.27 4.89 9.50
N LYS A 20 -12.16 5.61 9.36
CA LYS A 20 -10.84 5.00 9.49
C LYS A 20 -10.14 5.59 10.70
N ILE A 21 -9.88 6.90 10.72
CA ILE A 21 -8.85 7.41 11.63
C ILE A 21 -9.33 7.51 13.08
N TYR A 22 -10.53 8.01 13.27
CA TYR A 22 -11.08 8.04 14.60
C TYR A 22 -11.16 6.62 15.17
N PRO A 23 -11.82 5.63 14.51
CA PRO A 23 -11.76 4.24 14.91
C PRO A 23 -10.35 3.70 15.17
N THR A 24 -9.37 4.11 14.37
CA THR A 24 -8.06 3.49 14.43
C THR A 24 -7.37 3.92 15.70
N ILE A 25 -7.39 5.23 15.96
CA ILE A 25 -6.77 5.78 17.16
C ILE A 25 -7.54 5.30 18.40
N TRP A 26 -8.87 5.21 18.31
CA TRP A 26 -9.64 4.53 19.35
C TRP A 26 -9.04 3.18 19.71
N TRP A 27 -8.89 2.31 18.70
CA TRP A 27 -8.44 0.95 18.93
C TRP A 27 -7.05 0.87 19.52
N LEU A 28 -6.18 1.77 19.07
CA LEU A 28 -4.85 1.92 19.63
C LEU A 28 -5.00 2.31 21.10
N PHE A 29 -5.86 3.32 21.36
CA PHE A 29 -6.10 3.84 22.70
C PHE A 29 -6.57 2.69 23.59
N ARG A 30 -7.64 2.06 23.13
CA ARG A 30 -8.28 0.96 23.81
C ARG A 30 -7.29 -0.09 24.28
N ASP A 31 -6.28 -0.41 23.44
CA ASP A 31 -5.39 -1.55 23.67
C ASP A 31 -4.14 -1.15 24.44
N GLY A 32 -4.09 0.08 24.99
CA GLY A 32 -2.95 0.47 25.80
C GLY A 32 -1.67 0.66 25.00
N LEU A 33 -1.76 1.01 23.71
CA LEU A 33 -0.58 1.11 22.83
C LEU A 33 -0.10 2.54 22.73
N LEU A 34 -0.97 3.52 23.02
CA LEU A 34 -0.58 4.92 22.88
C LEU A 34 0.12 5.29 24.18
N PRO A 35 0.82 6.43 24.28
CA PRO A 35 1.15 6.99 25.58
C PRO A 35 -0.08 7.34 26.43
N GLU A 36 0.12 7.31 27.74
CA GLU A 36 -0.91 7.57 28.72
C GLU A 36 -1.48 8.97 28.53
N ASN A 37 -0.59 9.92 28.19
CA ASN A 37 -0.89 11.34 28.19
C ASN A 37 -1.13 11.73 26.75
N THR A 38 -2.22 11.18 26.21
CA THR A 38 -2.50 11.36 24.80
C THR A 38 -3.83 12.12 24.73
N PHE A 39 -3.86 13.13 23.85
CA PHE A 39 -5.05 13.89 23.50
C PHE A 39 -5.22 13.86 21.98
N ILE A 40 -6.49 13.81 21.57
CA ILE A 40 -6.90 13.84 20.18
C ILE A 40 -7.57 15.20 19.93
N VAL A 41 -7.11 15.96 18.92
CA VAL A 41 -7.75 17.21 18.53
C VAL A 41 -8.21 17.06 17.08
N GLY A 42 -9.47 17.29 16.80
CA GLY A 42 -9.94 17.35 15.42
C GLY A 42 -9.98 18.79 14.93
N TYR A 43 -9.73 18.98 13.63
CA TYR A 43 -9.73 20.30 13.03
C TYR A 43 -10.42 20.17 11.68
N ALA A 44 -11.58 20.83 11.50
CA ALA A 44 -12.22 20.95 10.21
C ALA A 44 -13.13 22.20 10.17
N ARG A 45 -13.65 22.54 8.99
CA ARG A 45 -14.42 23.75 8.81
C ARG A 45 -15.74 23.74 9.63
N SER A 46 -16.48 22.63 9.62
CA SER A 46 -17.79 22.57 10.23
C SER A 46 -17.72 22.88 11.74
N ARG A 47 -18.79 23.50 12.23
CA ARG A 47 -18.84 23.92 13.63
C ARG A 47 -19.35 22.71 14.42
N LEU A 48 -18.42 21.78 14.67
CA LEU A 48 -18.74 20.51 15.32
C LEU A 48 -18.29 20.54 16.78
N THR A 49 -18.77 19.52 17.48
CA THR A 49 -18.47 19.32 18.88
C THR A 49 -18.16 17.82 19.03
N VAL A 50 -17.54 17.50 20.18
CA VAL A 50 -17.06 16.15 20.44
C VAL A 50 -18.23 15.20 20.39
N ALA A 51 -19.38 15.60 20.95
CA ALA A 51 -20.62 14.83 20.78
C ALA A 51 -20.92 14.49 19.32
N ASP A 52 -20.76 15.43 18.38
CA ASP A 52 -21.06 15.18 16.96
C ASP A 52 -20.10 14.19 16.31
N ILE A 53 -18.87 14.13 16.82
CA ILE A 53 -17.88 13.17 16.34
C ILE A 53 -18.12 11.80 16.95
N ARG A 54 -18.46 11.73 18.24
CA ARG A 54 -18.82 10.46 18.87
C ARG A 54 -19.97 9.79 18.11
N LYS A 55 -21.00 10.56 17.76
CA LYS A 55 -22.15 10.03 17.05
C LYS A 55 -21.78 9.58 15.63
N GLN A 56 -20.93 10.34 14.93
CA GLN A 56 -20.36 9.96 13.63
C GLN A 56 -19.54 8.65 13.69
N SER A 57 -18.69 8.51 14.72
CA SER A 57 -17.54 7.62 14.66
C SER A 57 -17.76 6.31 15.41
N GLU A 58 -18.43 6.32 16.56
CA GLU A 58 -18.48 5.17 17.45
C GLU A 58 -19.31 4.00 16.90
N PRO A 59 -20.18 4.14 15.86
CA PRO A 59 -20.67 2.96 15.13
C PRO A 59 -19.59 2.23 14.33
N PHE A 60 -18.46 2.92 14.07
CA PHE A 60 -17.30 2.33 13.40
C PHE A 60 -16.26 1.76 14.38
N PHE A 61 -16.42 1.96 15.69
CA PHE A 61 -15.53 1.39 16.69
C PHE A 61 -15.91 -0.08 16.93
OH ALY A 62 -13.87 -2.88 24.96
CH ALY A 62 -13.90 -2.55 23.79
CH3 ALY A 62 -14.61 -1.31 23.38
NZ ALY A 62 -13.34 -3.31 22.82
CE ALY A 62 -13.57 -3.17 21.38
CD ALY A 62 -13.75 -4.47 20.58
CG ALY A 62 -14.66 -4.35 19.31
CB ALY A 62 -14.47 -3.09 18.44
CA ALY A 62 -15.64 -2.11 18.24
N ALY A 62 -15.16 -0.80 17.77
C ALY A 62 -16.51 -1.78 19.46
O ALY A 62 -16.18 -2.04 20.60
N ALA A 63 -17.62 -1.07 19.24
CA ALA A 63 -18.43 -0.67 20.36
C ALA A 63 -18.68 -1.92 21.21
N THR A 64 -18.06 -2.03 22.42
CA THR A 64 -18.30 -3.14 23.36
C THR A 64 -18.85 -2.60 24.67
N PRO A 65 -19.71 -3.29 25.46
CA PRO A 65 -20.16 -2.74 26.75
C PRO A 65 -19.07 -2.48 27.82
N GLU A 66 -17.79 -2.82 27.57
CA GLU A 66 -16.62 -2.30 28.30
C GLU A 66 -16.09 -1.02 27.58
N GLU A 67 -16.58 0.12 28.15
CA GLU A 67 -16.59 1.48 27.62
C GLU A 67 -16.41 2.55 28.73
N LYS A 68 -15.76 2.24 29.86
CA LYS A 68 -14.98 3.23 30.58
C LYS A 68 -13.92 3.86 29.69
N LEU A 69 -13.15 2.98 29.05
CA LEU A 69 -12.20 3.35 28.02
C LEU A 69 -12.85 4.33 27.04
N LYS A 70 -14.00 3.95 26.49
CA LYS A 70 -14.73 4.82 25.56
C LYS A 70 -15.31 6.00 26.32
N LEU A 71 -16.02 5.66 27.43
CA LEU A 71 -16.62 6.61 28.39
C LEU A 71 -15.58 7.67 28.47
N GLU A 72 -16.02 8.88 28.75
CA GLU A 72 -15.45 9.97 28.00
C GLU A 72 -13.96 9.67 27.89
N ASP A 73 -13.34 8.80 28.71
CA ASP A 73 -11.92 8.82 28.79
C ASP A 73 -11.32 9.03 27.44
N PHE A 74 -11.65 8.17 26.49
CA PHE A 74 -11.27 8.44 25.11
C PHE A 74 -11.83 9.78 24.61
N PHE A 75 -13.15 9.96 24.70
CA PHE A 75 -13.78 11.21 24.26
C PHE A 75 -13.48 12.44 25.11
N ALA A 76 -13.10 12.26 26.39
CA ALA A 76 -12.73 13.32 27.30
C ALA A 76 -11.38 13.88 26.86
N ARG A 77 -10.55 12.99 26.32
CA ARG A 77 -9.29 13.35 25.69
C ARG A 77 -9.48 13.83 24.26
N ASN A 78 -10.70 13.87 23.78
CA ASN A 78 -10.97 14.47 22.48
C ASN A 78 -11.33 15.94 22.70
N SER A 79 -10.91 16.76 21.75
CA SER A 79 -11.49 18.08 21.54
C SER A 79 -11.58 18.38 20.05
N TYR A 80 -12.27 19.49 19.72
CA TYR A 80 -12.48 19.90 18.35
C TYR A 80 -12.31 21.40 18.25
N VAL A 81 -11.71 21.83 17.14
CA VAL A 81 -11.45 23.23 16.80
C VAL A 81 -11.94 23.46 15.36
N ALA A 82 -12.94 24.33 15.13
CA ALA A 82 -13.35 24.66 13.77
C ALA A 82 -12.39 25.68 13.13
N GLY A 83 -12.31 25.62 11.80
CA GLY A 83 -11.25 26.35 11.13
C GLY A 83 -11.16 26.05 9.63
N GLN A 84 -10.75 27.07 8.89
CA GLN A 84 -10.47 27.02 7.47
C GLN A 84 -9.00 26.64 7.27
N TYR A 85 -8.72 26.00 6.12
CA TYR A 85 -7.44 25.32 5.91
C TYR A 85 -6.33 26.28 5.50
N ASP A 86 -6.64 27.52 5.06
CA ASP A 86 -5.63 28.55 4.84
C ASP A 86 -6.01 29.87 5.52
N ASP A 87 -6.73 29.82 6.63
CA ASP A 87 -6.91 30.97 7.49
C ASP A 87 -5.94 30.91 8.69
N ALA A 88 -5.03 31.90 8.72
CA ALA A 88 -3.96 32.04 9.71
C ALA A 88 -4.48 32.15 11.14
N ALA A 89 -5.49 32.99 11.39
CA ALA A 89 -6.11 33.08 12.69
C ALA A 89 -6.58 31.71 13.16
N SER A 90 -7.23 30.96 12.25
CA SER A 90 -7.70 29.63 12.59
C SER A 90 -6.57 28.79 13.18
N TYR A 91 -5.35 28.90 12.61
CA TYR A 91 -4.26 28.08 13.10
C TYR A 91 -3.70 28.62 14.41
N GLN A 92 -3.93 29.90 14.69
CA GLN A 92 -3.63 30.43 16.00
C GLN A 92 -4.60 29.87 17.02
N ARG A 93 -5.92 29.85 16.70
CA ARG A 93 -6.92 29.22 17.56
C ARG A 93 -6.51 27.78 17.88
N LEU A 94 -6.12 27.02 16.84
CA LEU A 94 -5.68 25.64 16.97
C LEU A 94 -4.44 25.49 17.85
N ASN A 95 -3.35 26.14 17.48
CA ASN A 95 -2.11 26.11 18.23
C ASN A 95 -2.31 26.50 19.69
N SER A 96 -3.08 27.56 19.89
CA SER A 96 -3.37 28.11 21.22
C SER A 96 -4.16 27.06 22.06
N HIS A 97 -5.07 26.35 21.39
CA HIS A 97 -5.86 25.31 22.01
C HIS A 97 -5.01 24.12 22.47
N MET A 98 -4.09 23.73 21.56
CA MET A 98 -3.12 22.70 21.87
C MET A 98 -2.28 23.11 23.09
N ASN A 99 -1.91 24.39 23.14
CA ASN A 99 -1.05 24.90 24.18
C ASN A 99 -1.70 24.75 25.57
N ALA A 100 -3.02 24.92 25.66
CA ALA A 100 -3.78 24.90 26.90
C ALA A 100 -4.16 23.49 27.38
N LEU A 101 -3.83 22.45 26.59
CA LEU A 101 -3.85 21.07 27.05
C LEU A 101 -2.77 20.87 28.11
N HIS A 102 -2.91 19.79 28.89
CA HIS A 102 -1.91 19.47 29.90
C HIS A 102 -0.52 19.29 29.25
N LEU A 103 0.47 20.03 29.79
CA LEU A 103 1.78 20.27 29.20
C LEU A 103 1.68 20.46 27.69
N GLY A 104 0.65 21.14 27.19
CA GLY A 104 0.42 21.29 25.75
C GLY A 104 1.62 21.87 24.99
N SER A 105 2.43 22.69 25.68
CA SER A 105 3.55 23.44 25.12
C SER A 105 4.72 22.50 24.86
N GLN A 106 4.78 21.41 25.66
CA GLN A 106 5.89 20.47 25.69
C GLN A 106 5.65 19.32 24.73
N ALA A 107 4.36 19.08 24.44
CA ALA A 107 3.86 17.81 23.96
C ALA A 107 4.39 17.61 22.56
N ASN A 108 4.49 16.32 22.21
CA ASN A 108 4.80 15.90 20.87
C ASN A 108 3.56 16.04 20.02
N ARG A 109 3.73 16.47 18.76
CA ARG A 109 2.61 16.83 17.90
C ARG A 109 2.63 16.04 16.61
N LEU A 110 1.48 15.45 16.31
CA LEU A 110 1.37 14.45 15.27
C LEU A 110 0.12 14.82 14.49
N PHE A 111 0.31 15.44 13.30
CA PHE A 111 -0.77 16.00 12.50
C PHE A 111 -1.14 15.01 11.40
N TYR A 112 -2.35 14.41 11.48
CA TYR A 112 -2.81 13.49 10.47
C TYR A 112 -3.59 14.29 9.43
N LEU A 113 -3.08 14.33 8.19
CA LEU A 113 -3.67 15.12 7.10
C LEU A 113 -4.67 14.26 6.33
N ALA A 114 -5.87 14.14 6.88
CA ALA A 114 -6.98 13.39 6.31
C ALA A 114 -7.81 14.31 5.41
N LEU A 115 -7.14 14.90 4.43
CA LEU A 115 -7.68 15.99 3.64
C LEU A 115 -7.45 15.62 2.18
N PRO A 116 -8.13 16.28 1.24
CA PRO A 116 -7.83 16.02 -0.16
C PRO A 116 -6.55 16.77 -0.48
N PRO A 117 -5.74 16.27 -1.45
CA PRO A 117 -4.45 16.88 -1.81
C PRO A 117 -4.43 18.33 -2.37
N THR A 118 -5.56 18.82 -2.92
CA THR A 118 -5.68 20.20 -3.34
C THR A 118 -5.45 21.20 -2.22
N VAL A 119 -5.29 20.75 -0.97
CA VAL A 119 -5.11 21.60 0.19
C VAL A 119 -3.85 21.28 0.99
N TYR A 120 -2.98 20.35 0.52
CA TYR A 120 -1.84 19.87 1.26
C TYR A 120 -0.77 20.96 1.46
N GLU A 121 -0.58 21.86 0.50
CA GLU A 121 0.38 22.95 0.63
C GLU A 121 -0.05 23.98 1.66
N ALA A 122 -1.30 24.47 1.53
CA ALA A 122 -1.84 25.41 2.52
C ALA A 122 -1.69 24.87 3.94
N VAL A 123 -2.26 23.67 4.19
CA VAL A 123 -2.31 23.07 5.51
C VAL A 123 -0.91 22.93 6.06
N THR A 124 -0.02 22.49 5.20
CA THR A 124 1.36 22.22 5.58
C THR A 124 2.05 23.53 5.98
N LYS A 125 1.95 24.57 5.14
CA LYS A 125 2.51 25.89 5.40
C LYS A 125 2.03 26.44 6.74
N ASN A 126 0.72 26.39 6.93
CA ASN A 126 0.05 26.95 8.10
C ASN A 126 0.52 26.24 9.36
N ILE A 127 0.56 24.90 9.34
CA ILE A 127 1.12 24.10 10.43
C ILE A 127 2.53 24.61 10.75
N HIS A 128 3.34 24.79 9.73
CA HIS A 128 4.76 25.07 9.95
C HIS A 128 4.89 26.41 10.67
N GLU A 129 4.13 27.40 10.19
CA GLU A 129 4.35 28.76 10.64
C GLU A 129 3.75 28.94 12.04
N SER A 130 2.64 28.26 12.37
CA SER A 130 1.88 28.63 13.56
C SER A 130 1.68 27.49 14.57
N CYS A 131 1.88 26.19 14.25
CA CYS A 131 1.37 25.11 15.10
C CYS A 131 2.43 24.10 15.57
N MET A 132 3.73 24.38 15.33
CA MET A 132 4.79 23.43 15.62
C MET A 132 5.14 23.47 17.10
N SER A 133 5.21 22.36 17.83
CA SER A 133 5.82 22.42 19.15
C SER A 133 7.23 22.99 19.00
N GLN A 134 7.66 23.75 20.02
CA GLN A 134 9.01 24.30 20.10
C GLN A 134 9.89 23.41 20.96
N ILE A 135 9.31 22.42 21.69
CA ILE A 135 10.00 21.50 22.59
C ILE A 135 9.93 20.07 22.03
N GLY A 136 8.71 19.55 21.87
CA GLY A 136 8.50 18.18 21.43
C GLY A 136 8.67 18.09 19.92
N TRP A 137 8.75 16.87 19.41
CA TRP A 137 8.77 16.61 17.98
C TRP A 137 7.45 16.98 17.31
N ASN A 138 7.54 17.11 15.98
CA ASN A 138 6.41 17.48 15.13
C ASN A 138 6.43 16.58 13.90
N ARG A 139 5.38 15.75 13.74
CA ARG A 139 5.34 14.77 12.67
C ARG A 139 4.08 14.93 11.84
N ILE A 140 4.25 14.94 10.51
CA ILE A 140 3.08 15.03 9.64
C ILE A 140 2.91 13.71 8.91
N ILE A 141 1.63 13.24 8.86
CA ILE A 141 1.20 12.06 8.15
C ILE A 141 0.43 12.52 6.94
N VAL A 142 0.89 12.12 5.75
CA VAL A 142 0.28 12.48 4.46
C VAL A 142 -0.13 11.23 3.67
N GLU A 143 -1.29 11.33 3.02
CA GLU A 143 -1.90 10.24 2.27
C GLU A 143 -1.62 10.46 0.78
N LYS A 144 -1.54 9.39 0.02
CA LYS A 144 -1.70 9.46 -1.43
C LYS A 144 -2.93 10.32 -1.78
N PRO A 145 -3.03 10.98 -2.95
CA PRO A 145 -2.00 10.97 -3.99
C PRO A 145 -0.86 11.89 -3.61
N PHE A 146 0.36 11.44 -3.90
CA PHE A 146 1.54 12.29 -3.87
C PHE A 146 1.91 12.67 -5.30
N GLY A 147 1.26 13.68 -5.88
CA GLY A 147 1.44 14.04 -7.28
C GLY A 147 0.70 13.04 -8.17
N ARG A 148 0.81 13.24 -9.49
CA ARG A 148 0.28 12.32 -10.50
C ARG A 148 1.29 12.07 -11.64
N ASP A 149 2.50 12.64 -11.53
CA ASP A 149 3.62 12.43 -12.42
C ASP A 149 4.82 13.00 -11.67
N LEU A 150 6.01 12.88 -12.24
CA LEU A 150 7.25 13.37 -11.63
C LEU A 150 7.09 14.83 -11.16
N GLN A 151 6.68 15.70 -12.11
CA GLN A 151 6.90 17.12 -12.01
C GLN A 151 5.98 17.61 -10.91
N SER A 152 4.73 17.07 -10.90
CA SER A 152 3.72 17.40 -9.90
C SER A 152 4.05 16.87 -8.49
N SER A 153 4.59 15.64 -8.42
CA SER A 153 5.14 15.07 -7.21
C SER A 153 6.34 15.88 -6.68
N ASP A 154 7.26 16.29 -7.56
CA ASP A 154 8.32 17.22 -7.23
C ASP A 154 7.79 18.52 -6.61
N ARG A 155 6.81 19.17 -7.23
CA ARG A 155 6.25 20.37 -6.63
C ARG A 155 5.91 20.12 -5.14
N LEU A 156 5.16 19.06 -4.86
CA LEU A 156 4.60 18.85 -3.53
C LEU A 156 5.74 18.59 -2.56
N SER A 157 6.64 17.70 -2.94
CA SER A 157 7.78 17.29 -2.14
C SER A 157 8.75 18.44 -1.84
N ASN A 158 8.92 19.39 -2.77
CA ASN A 158 9.87 20.48 -2.59
C ASN A 158 9.26 21.48 -1.62
N HIS A 159 7.95 21.69 -1.79
CA HIS A 159 7.18 22.42 -0.79
C HIS A 159 7.39 21.80 0.58
N ILE A 160 7.04 20.52 0.78
CA ILE A 160 7.02 19.94 2.12
C ILE A 160 8.43 19.99 2.71
N SER A 161 9.43 19.69 1.87
CA SER A 161 10.81 19.55 2.33
C SER A 161 11.41 20.90 2.71
N SER A 162 10.90 21.99 2.11
CA SER A 162 11.31 23.33 2.49
C SER A 162 10.89 23.64 3.92
N LEU A 163 9.74 23.11 4.34
CA LEU A 163 9.18 23.37 5.66
C LEU A 163 9.63 22.32 6.68
N PHE A 164 9.57 21.02 6.30
CA PHE A 164 9.78 19.89 7.19
C PHE A 164 11.03 19.10 6.79
N ARG A 165 11.75 18.61 7.81
CA ARG A 165 12.82 17.64 7.60
C ARG A 165 12.23 16.30 7.19
N GLU A 166 13.07 15.41 6.65
CA GLU A 166 12.61 14.07 6.28
C GLU A 166 12.19 13.29 7.55
N ASP A 167 13.00 13.35 8.63
CA ASP A 167 12.63 13.15 10.03
C ASP A 167 11.15 13.40 10.40
N GLN A 168 10.42 14.24 9.64
CA GLN A 168 9.12 14.75 10.04
C GLN A 168 7.98 14.32 9.14
N ILE A 169 8.31 13.70 7.99
CA ILE A 169 7.37 13.38 6.93
C ILE A 169 7.09 11.86 6.94
N TYR A 170 5.82 11.53 7.18
CA TYR A 170 5.36 10.18 7.20
C TYR A 170 4.30 10.05 6.12
N ARG A 171 4.76 9.78 4.90
CA ARG A 171 3.89 9.46 3.79
C ARG A 171 3.39 8.02 3.92
N ILE A 172 2.08 7.78 4.10
CA ILE A 172 1.59 6.41 4.34
C ILE A 172 1.37 5.76 2.99
N ASP A 173 1.91 4.56 2.81
CA ASP A 173 1.38 3.57 1.88
C ASP A 173 0.83 2.42 2.74
N HIS A 174 -0.49 2.28 2.83
CA HIS A 174 -1.10 1.26 3.68
C HIS A 174 -0.55 -0.14 3.37
N TYR A 175 0.03 -0.34 2.17
CA TYR A 175 0.71 -1.59 1.90
C TYR A 175 1.84 -1.86 2.86
N LEU A 176 2.72 -0.90 3.16
CA LEU A 176 3.82 -1.24 4.06
C LEU A 176 3.34 -1.72 5.43
N GLY A 177 2.08 -1.48 5.77
CA GLY A 177 1.54 -1.85 7.06
C GLY A 177 0.95 -3.24 7.15
N LYS A 178 0.90 -3.99 6.04
CA LYS A 178 0.32 -5.34 6.06
C LYS A 178 1.34 -6.37 6.58
N GLU A 179 0.77 -7.38 7.27
CA GLU A 179 1.48 -8.43 7.99
C GLU A 179 2.57 -9.07 7.12
N MET A 180 2.18 -9.44 5.91
CA MET A 180 2.95 -10.26 4.98
C MET A 180 3.99 -9.37 4.27
N VAL A 181 3.61 -8.09 4.03
CA VAL A 181 4.55 -7.16 3.43
C VAL A 181 5.67 -6.89 4.44
N GLN A 182 5.35 -6.74 5.72
CA GLN A 182 6.40 -6.57 6.72
C GLN A 182 7.24 -7.84 6.82
N ASN A 183 6.64 -9.00 6.63
CA ASN A 183 7.32 -10.28 6.73
C ASN A 183 8.43 -10.51 5.69
N LEU A 184 8.44 -9.79 4.54
CA LEU A 184 9.35 -10.07 3.43
C LEU A 184 10.80 -10.01 3.88
N MET A 185 11.13 -8.95 4.60
CA MET A 185 12.45 -8.78 5.17
C MET A 185 12.85 -9.91 6.10
N VAL A 186 11.91 -10.41 6.90
CA VAL A 186 12.23 -11.44 7.86
C VAL A 186 12.42 -12.75 7.12
N LEU A 187 11.44 -13.10 6.26
CA LEU A 187 11.54 -14.26 5.37
C LEU A 187 12.90 -14.31 4.69
N ARG A 188 13.40 -13.16 4.20
CA ARG A 188 14.55 -13.17 3.30
C ARG A 188 15.84 -13.16 4.09
N PHE A 189 15.94 -12.29 5.12
CA PHE A 189 17.22 -11.96 5.75
C PHE A 189 17.39 -12.60 7.13
N ALA A 190 16.34 -13.29 7.66
CA ALA A 190 16.44 -14.08 8.90
C ALA A 190 16.58 -15.58 8.62
N ASN A 191 16.73 -15.96 7.34
CA ASN A 191 16.71 -17.33 6.89
C ASN A 191 17.77 -17.57 5.81
N ARG A 192 18.64 -18.56 6.04
CA ARG A 192 19.58 -19.09 5.06
C ARG A 192 18.95 -19.92 3.97
N ILE A 193 17.80 -20.54 4.18
CA ILE A 193 17.28 -21.50 3.23
C ILE A 193 16.95 -20.71 1.95
N PHE A 194 16.30 -19.56 2.13
CA PHE A 194 16.12 -18.55 1.10
C PHE A 194 17.39 -17.73 1.13
N GLY A 195 17.64 -16.92 0.13
CA GLY A 195 18.76 -15.99 0.26
C GLY A 195 19.94 -16.33 -0.65
N PRO A 196 20.70 -17.43 -0.44
CA PRO A 196 21.63 -17.93 -1.46
C PRO A 196 21.02 -18.26 -2.82
N ILE A 197 19.71 -18.55 -2.82
CA ILE A 197 18.95 -18.69 -4.05
C ILE A 197 18.34 -17.37 -4.53
N TRP A 198 18.45 -16.32 -3.73
CA TRP A 198 17.69 -15.11 -4.00
C TRP A 198 18.38 -14.23 -5.04
N ASN A 199 18.53 -14.74 -6.27
CA ASN A 199 19.36 -14.09 -7.25
C ASN A 199 19.03 -14.62 -8.63
N ARG A 200 19.62 -14.00 -9.68
CA ARG A 200 19.35 -14.32 -11.08
C ARG A 200 19.88 -15.69 -11.52
N ASP A 201 20.83 -16.27 -10.77
CA ASP A 201 21.31 -17.62 -11.08
C ASP A 201 20.20 -18.65 -10.85
N ASN A 202 19.26 -18.33 -9.92
CA ASN A 202 18.23 -19.26 -9.48
C ASN A 202 16.82 -18.86 -9.88
N ILE A 203 16.52 -17.59 -10.14
CA ILE A 203 15.16 -17.10 -10.35
C ILE A 203 14.99 -16.76 -11.82
N ALA A 204 13.87 -17.17 -12.39
CA ALA A 204 13.56 -16.92 -13.80
C ALA A 204 12.68 -15.69 -13.94
N CYS A 205 11.80 -15.44 -12.96
CA CYS A 205 11.01 -14.22 -12.93
C CYS A 205 10.31 -14.06 -11.59
N VAL A 206 10.01 -12.78 -11.26
CA VAL A 206 9.21 -12.36 -10.13
C VAL A 206 7.86 -11.77 -10.60
N ILE A 207 6.75 -12.36 -10.12
CA ILE A 207 5.41 -11.86 -10.33
C ILE A 207 4.89 -11.20 -9.06
N LEU A 208 4.49 -9.91 -9.20
CA LEU A 208 3.90 -9.07 -8.16
C LEU A 208 2.47 -8.71 -8.54
N THR A 209 1.49 -9.22 -7.76
CA THR A 209 0.09 -9.33 -8.15
C THR A 209 -0.85 -8.54 -7.22
N PHE A 210 -1.89 -7.94 -7.77
CA PHE A 210 -2.88 -7.27 -6.94
C PHE A 210 -4.19 -7.25 -7.71
N LYS A 211 -5.16 -8.00 -7.21
CA LYS A 211 -6.37 -8.29 -7.93
C LYS A 211 -7.54 -7.91 -7.04
N GLU A 212 -8.59 -7.37 -7.66
CA GLU A 212 -9.84 -7.12 -6.98
C GLU A 212 -10.96 -7.65 -7.85
N PRO A 213 -11.95 -8.33 -7.26
CA PRO A 213 -13.06 -8.92 -8.01
C PRO A 213 -14.25 -7.98 -8.26
N PHE A 214 -14.27 -6.87 -7.51
CA PHE A 214 -15.25 -5.82 -7.66
C PHE A 214 -14.73 -4.85 -8.71
N GLY A 215 -15.68 -4.27 -9.45
CA GLY A 215 -15.43 -3.14 -10.32
C GLY A 215 -15.34 -1.87 -9.49
N THR A 216 -15.91 -0.79 -10.01
CA THR A 216 -15.62 0.58 -9.59
C THR A 216 -16.75 1.15 -8.72
N GLU A 217 -17.99 0.61 -8.90
CA GLU A 217 -19.09 0.64 -7.93
C GLU A 217 -19.56 2.07 -7.72
N GLY A 218 -19.98 2.74 -8.80
CA GLY A 218 -20.43 4.13 -8.73
C GLY A 218 -19.34 5.20 -8.59
N ARG A 219 -18.10 4.88 -8.15
CA ARG A 219 -17.04 5.86 -7.90
C ARG A 219 -16.04 5.96 -9.08
N GLY A 220 -16.46 5.53 -10.29
CA GLY A 220 -15.65 5.53 -11.49
C GLY A 220 -15.11 6.90 -11.94
N GLY A 221 -15.85 7.99 -11.66
CA GLY A 221 -15.40 9.33 -12.03
C GLY A 221 -14.09 9.70 -11.33
N TYR A 222 -13.95 9.23 -10.07
CA TYR A 222 -12.82 9.51 -9.21
C TYR A 222 -11.61 8.76 -9.74
N PHE A 223 -11.81 7.44 -9.95
CA PHE A 223 -10.84 6.53 -10.54
C PHE A 223 -10.37 6.98 -11.92
N ASP A 224 -11.30 7.35 -12.82
CA ASP A 224 -10.98 7.79 -14.17
C ASP A 224 -9.91 8.88 -14.26
N GLU A 225 -9.73 9.66 -13.21
CA GLU A 225 -8.75 10.75 -13.22
C GLU A 225 -7.32 10.24 -13.20
N PHE A 226 -7.06 9.10 -12.56
CA PHE A 226 -5.68 8.64 -12.40
C PHE A 226 -5.43 7.28 -13.05
N GLY A 227 -6.42 6.37 -13.04
CA GLY A 227 -6.31 5.02 -13.58
C GLY A 227 -5.54 4.07 -12.67
N ILE A 228 -5.36 2.82 -13.14
CA ILE A 228 -4.91 1.71 -12.33
C ILE A 228 -3.43 1.83 -11.94
N ILE A 229 -2.59 2.36 -12.82
CA ILE A 229 -1.17 2.24 -12.55
C ILE A 229 -0.76 3.30 -11.52
N ARG A 230 -1.37 4.48 -11.63
CA ARG A 230 -1.20 5.50 -10.62
C ARG A 230 -1.80 5.01 -9.30
N ASP A 231 -3.00 4.37 -9.40
CA ASP A 231 -3.74 3.84 -8.28
C ASP A 231 -2.93 2.86 -7.43
N VAL A 232 -2.38 1.82 -8.09
CA VAL A 232 -1.93 0.58 -7.45
C VAL A 232 -0.48 0.24 -7.81
N MET A 233 -0.10 0.50 -9.08
CA MET A 233 1.17 -0.05 -9.57
C MET A 233 2.36 0.78 -9.13
N GLN A 234 2.35 2.12 -9.26
CA GLN A 234 3.52 2.93 -8.91
C GLN A 234 3.79 2.95 -7.39
N ASN A 235 2.78 2.63 -6.56
CA ASN A 235 2.90 2.62 -5.09
C ASN A 235 3.04 1.19 -4.60
N HIS A 236 1.92 0.49 -4.44
CA HIS A 236 1.86 -0.76 -3.67
C HIS A 236 2.76 -1.81 -4.29
N LEU A 237 2.60 -2.09 -5.60
CA LEU A 237 3.33 -3.15 -6.28
C LEU A 237 4.84 -2.87 -6.39
N LEU A 238 5.20 -1.62 -6.64
CA LEU A 238 6.59 -1.24 -6.77
C LEU A 238 7.29 -1.29 -5.41
N GLN A 239 6.50 -1.16 -4.34
CA GLN A 239 6.97 -1.32 -2.98
C GLN A 239 7.31 -2.76 -2.66
N MET A 240 6.42 -3.65 -3.07
CA MET A 240 6.66 -5.06 -2.93
C MET A 240 7.94 -5.47 -3.71
N LEU A 241 8.11 -4.94 -4.92
CA LEU A 241 9.28 -5.16 -5.75
C LEU A 241 10.50 -4.78 -4.95
N CYS A 242 10.47 -3.63 -4.29
CA CYS A 242 11.63 -3.14 -3.57
C CYS A 242 12.00 -4.08 -2.46
N LEU A 243 11.02 -4.60 -1.74
CA LEU A 243 11.29 -5.46 -0.59
C LEU A 243 11.84 -6.82 -1.03
N VAL A 244 11.29 -7.34 -2.13
CA VAL A 244 11.86 -8.48 -2.83
C VAL A 244 13.31 -8.29 -3.27
N ALA A 245 13.65 -7.13 -3.84
CA ALA A 245 14.83 -6.97 -4.70
C ALA A 245 15.98 -6.40 -3.89
N MET A 246 15.72 -5.44 -2.98
CA MET A 246 16.62 -4.96 -1.91
C MET A 246 17.83 -5.86 -1.70
N GLU A 247 19.03 -5.29 -1.73
CA GLU A 247 20.15 -5.86 -0.99
C GLU A 247 19.87 -5.86 0.49
N LYS A 248 20.57 -6.69 1.23
CA LYS A 248 20.42 -6.73 2.68
C LYS A 248 20.86 -5.39 3.27
N PRO A 249 20.05 -4.71 4.10
CA PRO A 249 20.43 -3.41 4.66
C PRO A 249 21.46 -3.57 5.78
N ALA A 250 22.13 -2.48 6.15
CA ALA A 250 23.18 -2.52 7.18
C ALA A 250 22.62 -2.78 8.58
N SER A 251 21.32 -2.53 8.76
CA SER A 251 20.64 -2.63 10.04
C SER A 251 19.15 -2.42 9.75
N THR A 252 18.32 -2.77 10.73
CA THR A 252 16.89 -2.55 10.62
C THR A 252 16.53 -1.06 10.73
N ASN A 253 17.51 -0.17 11.04
CA ASN A 253 17.25 1.26 11.17
C ASN A 253 16.56 1.75 9.90
N SER A 254 15.70 2.72 10.12
CA SER A 254 14.62 3.03 9.22
C SER A 254 15.21 3.44 7.89
N ASP A 255 16.37 4.15 7.89
CA ASP A 255 16.92 4.76 6.68
C ASP A 255 18.01 3.93 5.99
N ASP A 256 18.60 2.97 6.72
CA ASP A 256 19.35 1.88 6.14
C ASP A 256 18.39 0.99 5.36
N VAL A 257 17.16 0.75 5.85
CA VAL A 257 16.22 -0.03 5.05
C VAL A 257 15.74 0.76 3.82
N ARG A 258 15.43 2.06 3.96
CA ARG A 258 14.81 2.79 2.87
C ARG A 258 15.86 3.11 1.82
N ASP A 259 17.13 3.15 2.20
CA ASP A 259 18.07 3.53 1.16
C ASP A 259 18.46 2.28 0.34
N GLU A 260 18.08 1.06 0.80
CA GLU A 260 18.12 -0.10 -0.07
C GLU A 260 17.00 -0.11 -1.12
N LYS A 261 15.85 0.43 -0.75
CA LYS A 261 14.68 0.42 -1.60
C LYS A 261 14.91 1.41 -2.75
N VAL A 262 15.33 2.63 -2.44
CA VAL A 262 15.69 3.60 -3.48
C VAL A 262 16.85 3.07 -4.36
N LYS A 263 17.83 2.37 -3.76
CA LYS A 263 18.98 1.85 -4.49
C LYS A 263 18.51 0.95 -5.63
N VAL A 264 17.53 0.08 -5.32
CA VAL A 264 16.93 -0.79 -6.33
C VAL A 264 16.25 0.05 -7.39
N LEU A 265 15.44 0.99 -6.93
CA LEU A 265 14.59 1.72 -7.82
C LEU A 265 15.46 2.42 -8.88
N LYS A 266 16.66 2.85 -8.46
CA LYS A 266 17.63 3.54 -9.31
C LYS A 266 18.21 2.67 -10.41
N CYS A 267 18.22 1.35 -10.22
CA CYS A 267 18.56 0.43 -11.29
C CYS A 267 17.40 0.03 -12.19
N ILE A 268 16.25 0.70 -12.13
CA ILE A 268 15.12 0.37 -13.01
C ILE A 268 14.90 1.49 -14.01
N SER A 269 14.95 1.16 -15.30
CA SER A 269 14.78 2.11 -16.39
C SER A 269 13.31 2.45 -16.57
N GLU A 270 13.07 3.59 -17.21
CA GLU A 270 11.72 3.97 -17.59
C GLU A 270 11.16 2.80 -18.39
N VAL A 271 9.93 2.39 -18.01
CA VAL A 271 9.21 1.29 -18.64
C VAL A 271 8.76 1.67 -20.05
N GLN A 272 8.94 0.80 -21.05
CA GLN A 272 8.51 1.07 -22.42
C GLN A 272 7.19 0.37 -22.73
N ALA A 273 6.38 0.92 -23.66
CA ALA A 273 5.09 0.35 -24.06
C ALA A 273 5.17 -1.03 -24.71
N ASN A 274 6.30 -1.46 -25.29
CA ASN A 274 6.53 -2.86 -25.61
C ASN A 274 6.12 -3.77 -24.43
N ASN A 275 6.34 -3.37 -23.14
CA ASN A 275 6.23 -4.24 -21.98
C ASN A 275 4.97 -3.96 -21.17
N VAL A 276 3.90 -3.51 -21.84
CA VAL A 276 2.68 -3.13 -21.16
C VAL A 276 1.49 -3.72 -21.90
N VAL A 277 0.55 -4.28 -21.13
CA VAL A 277 -0.79 -4.59 -21.60
C VAL A 277 -1.77 -3.88 -20.67
N LEU A 278 -2.73 -3.11 -21.26
CA LEU A 278 -3.77 -2.36 -20.57
C LEU A 278 -5.15 -2.92 -20.88
N GLY A 279 -6.03 -2.92 -19.86
CA GLY A 279 -7.34 -3.55 -19.92
C GLY A 279 -8.37 -2.60 -19.36
N GLN A 280 -9.62 -2.74 -19.83
CA GLN A 280 -10.78 -2.10 -19.23
C GLN A 280 -11.90 -3.14 -19.19
N TYR A 281 -12.57 -3.25 -18.02
CA TYR A 281 -13.57 -4.29 -17.80
C TYR A 281 -14.87 -3.91 -18.51
N VAL A 282 -15.42 -4.86 -19.28
CA VAL A 282 -16.81 -4.83 -19.69
C VAL A 282 -17.62 -5.79 -18.83
N GLY A 283 -18.93 -5.57 -18.77
CA GLY A 283 -19.78 -6.33 -17.88
C GLY A 283 -20.04 -7.73 -18.41
N ASN A 284 -20.55 -8.60 -17.52
CA ASN A 284 -20.84 -10.00 -17.82
C ASN A 284 -22.35 -10.13 -18.13
N PRO A 285 -22.80 -10.36 -19.40
CA PRO A 285 -24.23 -10.60 -19.67
C PRO A 285 -24.82 -11.73 -18.80
N ASP A 286 -23.98 -12.73 -18.43
CA ASP A 286 -24.32 -13.82 -17.53
C ASP A 286 -23.80 -13.56 -16.10
N GLY A 287 -24.21 -12.43 -15.47
CA GLY A 287 -23.64 -12.00 -14.19
C GLY A 287 -24.69 -11.75 -13.11
N GLU A 288 -24.27 -11.11 -12.02
CA GLU A 288 -25.08 -11.00 -10.81
C GLU A 288 -24.86 -9.61 -10.19
N GLY A 289 -25.89 -8.75 -10.25
CA GLY A 289 -25.86 -7.38 -9.71
C GLY A 289 -24.85 -6.51 -10.47
N GLU A 290 -24.09 -5.73 -9.70
CA GLU A 290 -22.95 -4.92 -10.16
C GLU A 290 -22.13 -5.58 -11.29
N ALA A 291 -21.92 -6.90 -11.25
CA ALA A 291 -21.05 -7.61 -12.19
C ALA A 291 -21.53 -7.58 -13.65
N THR A 292 -22.78 -7.16 -13.91
CA THR A 292 -23.33 -7.03 -15.25
C THR A 292 -22.83 -5.77 -15.97
N LYS A 293 -22.39 -4.77 -15.19
CA LYS A 293 -22.05 -3.42 -15.63
C LYS A 293 -20.54 -3.35 -15.94
N GLY A 294 -20.22 -2.90 -17.15
CA GLY A 294 -18.86 -2.58 -17.54
C GLY A 294 -18.36 -1.29 -16.92
N TYR A 295 -17.09 -0.94 -17.16
CA TYR A 295 -16.52 0.29 -16.62
C TYR A 295 -17.31 1.49 -17.14
N LEU A 296 -17.64 1.47 -18.43
CA LEU A 296 -18.38 2.53 -19.09
C LEU A 296 -19.85 2.58 -18.71
N ASP A 297 -20.39 1.56 -18.04
CA ASP A 297 -21.79 1.61 -17.58
C ASP A 297 -21.93 2.21 -16.18
N ASP A 298 -20.86 2.81 -15.60
CA ASP A 298 -21.02 3.85 -14.59
C ASP A 298 -21.41 5.17 -15.25
N PRO A 299 -22.53 5.85 -14.87
CA PRO A 299 -22.81 7.20 -15.38
C PRO A 299 -21.83 8.25 -14.85
N THR A 300 -21.15 7.96 -13.74
CA THR A 300 -20.00 8.73 -13.29
C THR A 300 -18.80 8.74 -14.24
N VAL A 301 -18.59 7.72 -15.10
CA VAL A 301 -17.43 7.64 -15.99
C VAL A 301 -17.73 8.36 -17.31
N PRO A 302 -16.87 9.30 -17.79
CA PRO A 302 -17.12 10.03 -19.03
C PRO A 302 -17.22 9.11 -20.23
N ARG A 303 -18.12 9.44 -21.15
CA ARG A 303 -18.35 8.58 -22.31
C ARG A 303 -17.07 8.57 -23.15
N GLY A 304 -16.79 7.42 -23.78
CA GLY A 304 -15.57 7.16 -24.53
C GLY A 304 -14.28 7.11 -23.69
N SER A 305 -14.37 6.97 -22.36
CA SER A 305 -13.19 6.96 -21.51
C SER A 305 -12.28 5.83 -21.96
N THR A 306 -10.97 6.11 -21.94
CA THR A 306 -9.91 5.20 -22.31
C THR A 306 -9.15 4.67 -21.08
N THR A 307 -9.37 5.22 -19.89
CA THR A 307 -8.73 4.77 -18.66
C THR A 307 -8.72 3.24 -18.59
N ALA A 308 -7.56 2.71 -18.20
CA ALA A 308 -7.34 1.30 -17.92
C ALA A 308 -7.62 0.95 -16.46
N THR A 309 -8.33 -0.19 -16.35
CA THR A 309 -8.66 -0.83 -15.10
C THR A 309 -7.80 -2.07 -14.84
N PHE A 310 -7.07 -2.57 -15.86
CA PHE A 310 -6.08 -3.60 -15.72
C PHE A 310 -4.79 -3.15 -16.40
N ALA A 311 -3.65 -3.47 -15.77
CA ALA A 311 -2.34 -3.25 -16.31
C ALA A 311 -1.47 -4.40 -15.82
N ALA A 312 -0.80 -5.07 -16.79
CA ALA A 312 0.44 -5.82 -16.60
C ALA A 312 1.63 -5.09 -17.24
N VAL A 313 2.76 -5.08 -16.52
CA VAL A 313 3.93 -4.31 -16.89
C VAL A 313 5.17 -5.09 -16.46
N VAL A 314 6.19 -5.11 -17.32
CA VAL A 314 7.43 -5.80 -17.01
C VAL A 314 8.58 -4.82 -16.78
N LEU A 315 9.17 -4.89 -15.59
CA LEU A 315 10.34 -4.08 -15.25
C LEU A 315 11.56 -4.95 -15.09
N TYR A 316 12.74 -4.31 -15.21
CA TYR A 316 14.01 -4.96 -14.95
C TYR A 316 14.85 -4.09 -14.04
N VAL A 317 15.46 -4.76 -13.05
CA VAL A 317 16.44 -4.19 -12.14
C VAL A 317 17.82 -4.49 -12.73
N GLU A 318 18.48 -3.49 -13.30
CA GLU A 318 19.78 -3.67 -13.93
C GLU A 318 20.85 -3.65 -12.85
N ASN A 319 21.02 -4.75 -12.13
CA ASN A 319 22.13 -4.92 -11.20
C ASN A 319 22.58 -6.38 -11.15
N GLU A 320 23.55 -6.64 -10.24
CA GLU A 320 24.27 -7.90 -10.20
C GLU A 320 23.29 -9.00 -9.83
N ARG A 321 22.53 -8.80 -8.73
CA ARG A 321 21.56 -9.77 -8.28
C ARG A 321 20.51 -10.11 -9.38
N TRP A 322 20.02 -9.15 -10.19
CA TRP A 322 18.75 -9.34 -10.91
C TRP A 322 18.87 -9.18 -12.42
N ASP A 323 20.07 -8.91 -12.96
CA ASP A 323 20.18 -8.63 -14.38
C ASP A 323 19.44 -9.69 -15.21
N GLY A 324 18.54 -9.25 -16.12
CA GLY A 324 17.79 -10.14 -17.01
C GLY A 324 16.46 -10.68 -16.45
N VAL A 325 16.29 -10.66 -15.12
CA VAL A 325 15.16 -11.30 -14.45
C VAL A 325 13.92 -10.39 -14.62
N PRO A 326 12.92 -10.72 -15.43
CA PRO A 326 11.72 -9.89 -15.54
C PRO A 326 10.94 -9.82 -14.25
N PHE A 327 10.46 -8.62 -13.90
CA PHE A 327 9.62 -8.41 -12.75
C PHE A 327 8.30 -7.97 -13.33
N ILE A 328 7.35 -8.89 -13.26
CA ILE A 328 6.05 -8.66 -13.84
C ILE A 328 5.17 -8.07 -12.75
N LEU A 329 4.55 -6.93 -13.07
CA LEU A 329 3.64 -6.24 -12.16
C LEU A 329 2.24 -6.36 -12.75
N ARG A 330 1.30 -6.92 -12.01
CA ARG A 330 0.06 -7.35 -12.65
C ARG A 330 -1.07 -6.92 -11.71
N CYS A 331 -1.97 -6.05 -12.18
CA CYS A 331 -3.06 -5.61 -11.32
C CYS A 331 -4.30 -5.25 -12.11
N GLY A 332 -5.42 -5.21 -11.39
CA GLY A 332 -6.70 -4.96 -12.03
C GLY A 332 -7.92 -5.01 -11.12
N LYS A 333 -9.00 -4.50 -11.71
CA LYS A 333 -10.31 -4.40 -11.11
C LYS A 333 -11.26 -5.28 -11.91
N ALA A 334 -12.35 -5.71 -11.25
CA ALA A 334 -13.36 -6.59 -11.82
C ALA A 334 -12.76 -7.90 -12.31
N LEU A 335 -11.84 -8.47 -11.49
CA LEU A 335 -11.15 -9.70 -11.82
C LEU A 335 -11.85 -10.90 -11.15
N ASN A 336 -11.22 -12.08 -11.25
CA ASN A 336 -11.76 -13.31 -10.70
C ASN A 336 -11.65 -13.40 -9.17
N GLU A 337 -10.80 -12.62 -8.50
CA GLU A 337 -10.63 -12.84 -7.07
C GLU A 337 -9.98 -11.62 -6.43
N ARG A 338 -10.14 -11.53 -5.10
CA ARG A 338 -9.31 -10.65 -4.29
C ARG A 338 -8.01 -11.40 -3.99
N LYS A 339 -6.87 -10.82 -4.37
CA LYS A 339 -5.57 -11.37 -4.02
C LYS A 339 -4.46 -10.31 -4.16
N ALA A 340 -3.51 -10.27 -3.20
CA ALA A 340 -2.24 -9.62 -3.44
C ALA A 340 -1.09 -10.54 -3.05
N GLU A 341 0.00 -10.56 -3.85
CA GLU A 341 0.87 -11.74 -3.88
C GLU A 341 2.22 -11.42 -4.50
N VAL A 342 3.23 -12.10 -3.96
CA VAL A 342 4.59 -12.20 -4.47
C VAL A 342 4.84 -13.66 -4.84
N ARG A 343 5.33 -13.86 -6.06
CA ARG A 343 5.72 -15.18 -6.53
C ARG A 343 7.11 -15.10 -7.22
N LEU A 344 8.00 -16.04 -6.88
CA LEU A 344 9.28 -16.24 -7.54
C LEU A 344 9.08 -17.52 -8.34
N GLN A 345 9.35 -17.51 -9.64
CA GLN A 345 9.45 -18.72 -10.40
C GLN A 345 10.94 -18.98 -10.58
N PHE A 346 11.40 -20.13 -10.07
CA PHE A 346 12.80 -20.50 -10.15
C PHE A 346 13.05 -21.12 -11.51
N HIS A 347 14.33 -21.15 -11.89
CA HIS A 347 14.80 -21.73 -13.14
C HIS A 347 14.66 -23.24 -13.08
N ASP A 348 14.77 -23.86 -14.25
CA ASP A 348 14.83 -25.31 -14.34
C ASP A 348 16.09 -25.75 -13.58
N VAL A 349 16.01 -26.90 -12.90
CA VAL A 349 17.20 -27.56 -12.36
C VAL A 349 18.17 -27.82 -13.52
N ALA A 350 19.49 -27.58 -13.30
CA ALA A 350 20.53 -27.82 -14.31
C ALA A 350 20.90 -29.29 -14.35
N GLY A 351 20.95 -29.88 -15.55
CA GLY A 351 21.34 -31.29 -15.67
C GLY A 351 20.25 -32.21 -15.14
N ASP A 352 19.09 -32.15 -15.81
CA ASP A 352 17.89 -32.91 -15.51
C ASP A 352 18.15 -34.43 -15.59
N ILE A 353 17.81 -35.18 -14.52
CA ILE A 353 17.93 -36.65 -14.55
C ILE A 353 16.58 -37.38 -14.53
N PHE A 354 15.48 -36.68 -14.21
CA PHE A 354 14.11 -37.13 -14.44
C PHE A 354 13.84 -36.71 -15.86
N HIS A 355 12.70 -36.92 -16.46
CA HIS A 355 12.74 -36.90 -17.93
C HIS A 355 11.73 -35.89 -18.45
N GLN A 356 12.14 -34.61 -18.31
CA GLN A 356 11.30 -33.43 -18.52
C GLN A 356 9.98 -33.55 -17.74
N GLN A 357 10.04 -34.20 -16.57
CA GLN A 357 8.88 -34.41 -15.72
C GLN A 357 8.86 -33.39 -14.59
N CYS A 358 10.01 -32.76 -14.34
CA CYS A 358 10.12 -31.66 -13.40
C CYS A 358 9.38 -30.41 -13.89
N LYS A 359 8.97 -29.62 -12.91
CA LYS A 359 8.28 -28.35 -13.06
C LYS A 359 9.04 -27.36 -12.18
N ARG A 360 9.10 -26.10 -12.64
CA ARG A 360 9.86 -25.09 -11.94
C ARG A 360 9.35 -24.89 -10.52
N ASN A 361 10.27 -24.70 -9.58
CA ASN A 361 9.87 -24.43 -8.22
C ASN A 361 9.27 -23.04 -8.19
N GLU A 362 8.36 -22.76 -7.25
CA GLU A 362 7.89 -21.40 -6.98
C GLU A 362 7.83 -21.10 -5.48
N LEU A 363 8.08 -19.84 -5.12
CA LEU A 363 7.92 -19.40 -3.76
C LEU A 363 6.84 -18.35 -3.76
N VAL A 364 5.74 -18.64 -3.05
CA VAL A 364 4.58 -17.77 -3.04
C VAL A 364 4.42 -17.21 -1.62
N ILE A 365 4.41 -15.83 -1.54
CA ILE A 365 3.97 -15.09 -0.36
C ILE A 365 2.64 -14.39 -0.71
N ARG A 366 1.53 -14.94 -0.20
CA ARG A 366 0.21 -14.39 -0.40
C ARG A 366 -0.08 -13.45 0.75
N VAL A 367 -0.11 -12.14 0.42
CA VAL A 367 -0.31 -11.03 1.32
C VAL A 367 -1.78 -10.95 1.77
N GLN A 368 -2.73 -11.24 0.86
CA GLN A 368 -4.14 -11.21 1.16
C GLN A 368 -4.88 -11.96 0.06
N PRO A 369 -6.06 -12.56 0.32
CA PRO A 369 -6.53 -12.90 1.67
C PRO A 369 -5.72 -14.07 2.23
N ASN A 370 -6.03 -14.51 3.45
CA ASN A 370 -5.58 -15.81 3.93
C ASN A 370 -4.05 -15.86 3.92
N GLU A 371 -3.43 -15.09 4.83
CA GLU A 371 -1.99 -14.81 4.82
C GLU A 371 -1.24 -16.14 4.83
N ALA A 372 -0.42 -16.41 3.78
CA ALA A 372 0.21 -17.72 3.61
C ALA A 372 1.57 -17.57 2.95
N VAL A 373 2.50 -18.46 3.34
CA VAL A 373 3.73 -18.66 2.60
C VAL A 373 3.78 -20.13 2.24
N TYR A 374 4.07 -20.38 0.96
CA TYR A 374 4.26 -21.74 0.54
C TYR A 374 5.26 -21.76 -0.61
N THR A 375 5.91 -22.92 -0.78
CA THR A 375 6.84 -23.17 -1.86
C THR A 375 6.28 -24.29 -2.71
N LYS A 376 6.05 -24.06 -4.00
CA LYS A 376 5.66 -25.14 -4.87
C LYS A 376 6.91 -25.87 -5.33
N MET A 377 6.81 -27.20 -5.43
CA MET A 377 7.88 -28.13 -5.11
C MET A 377 7.75 -29.40 -5.95
N MET A 378 8.76 -30.27 -5.90
CA MET A 378 8.70 -31.60 -6.48
C MET A 378 8.93 -32.63 -5.38
N THR A 379 8.01 -33.58 -5.30
CA THR A 379 8.20 -34.74 -4.48
C THR A 379 7.98 -35.93 -5.39
N LYS A 380 8.39 -37.08 -4.88
CA LYS A 380 8.17 -38.33 -5.56
C LYS A 380 6.70 -38.65 -5.39
N LYS A 381 6.06 -39.06 -6.50
CA LYS A 381 4.64 -39.38 -6.51
C LYS A 381 4.39 -40.44 -5.43
N PRO A 382 3.62 -40.14 -4.35
CA PRO A 382 3.30 -41.13 -3.31
C PRO A 382 2.77 -42.45 -3.87
N GLY A 383 3.28 -43.56 -3.34
CA GLY A 383 2.90 -44.90 -3.74
C GLY A 383 4.00 -45.61 -4.52
N MET A 384 3.58 -46.43 -5.51
CA MET A 384 4.42 -47.34 -6.30
C MET A 384 5.01 -46.62 -7.52
N PHE A 385 5.23 -45.32 -7.38
CA PHE A 385 5.63 -44.51 -8.52
C PHE A 385 7.10 -44.14 -8.30
N PHE A 386 7.86 -44.13 -9.41
CA PHE A 386 9.22 -43.62 -9.46
C PHE A 386 9.26 -42.17 -9.95
N ASN A 387 8.08 -41.53 -10.19
CA ASN A 387 7.97 -40.26 -10.91
C ASN A 387 8.03 -39.10 -9.91
N PRO A 388 8.63 -37.94 -10.25
CA PRO A 388 8.36 -36.71 -9.49
C PRO A 388 6.97 -36.19 -9.86
N GLU A 389 6.34 -35.44 -8.93
CA GLU A 389 5.18 -34.61 -9.24
C GLU A 389 5.18 -33.36 -8.37
N GLU A 390 4.30 -32.41 -8.70
CA GLU A 390 4.17 -31.15 -7.98
C GLU A 390 3.46 -31.29 -6.63
N SER A 391 4.05 -30.64 -5.62
CA SER A 391 3.57 -30.54 -4.26
C SER A 391 4.02 -29.21 -3.67
N GLU A 392 3.94 -29.02 -2.34
CA GLU A 392 4.32 -27.77 -1.69
C GLU A 392 4.60 -27.93 -0.20
N LEU A 393 5.33 -26.96 0.37
CA LEU A 393 5.50 -26.83 1.82
C LEU A 393 4.75 -25.55 2.24
N ASP A 394 3.82 -25.61 3.21
CA ASP A 394 2.86 -24.55 3.52
C ASP A 394 3.06 -23.93 4.92
N LEU A 395 2.99 -22.58 4.98
CA LEU A 395 2.65 -21.81 6.19
C LEU A 395 1.42 -20.96 5.90
N THR A 396 0.27 -21.31 6.53
CA THR A 396 -1.00 -20.62 6.38
C THR A 396 -1.41 -20.08 7.76
N TYR A 397 -1.43 -18.74 7.91
CA TYR A 397 -1.58 -18.10 9.22
C TYR A 397 -2.96 -18.40 9.83
N GLY A 398 -4.00 -18.51 8.97
CA GLY A 398 -5.35 -18.96 9.32
C GLY A 398 -5.41 -20.16 10.27
N ASN A 399 -4.60 -21.20 9.98
CA ASN A 399 -4.55 -22.46 10.71
C ASN A 399 -3.48 -22.47 11.81
N ARG A 400 -2.25 -22.01 11.48
CA ARG A 400 -1.13 -22.11 12.39
C ARG A 400 -1.32 -21.07 13.52
N TYR A 401 -1.64 -19.83 13.09
CA TYR A 401 -1.79 -18.68 13.96
C TYR A 401 -3.27 -18.32 14.11
N LYS A 402 -4.03 -19.28 14.64
CA LYS A 402 -5.50 -19.28 14.58
C LYS A 402 -6.07 -18.16 15.44
N ASN A 403 -5.57 -18.02 16.68
CA ASN A 403 -6.12 -17.04 17.62
C ASN A 403 -5.36 -15.72 17.63
N VAL A 404 -4.65 -15.38 16.55
CA VAL A 404 -3.81 -14.17 16.55
C VAL A 404 -4.50 -13.11 15.68
N LYS A 405 -4.99 -12.05 16.38
CA LYS A 405 -5.45 -10.84 15.75
C LYS A 405 -4.27 -10.19 15.01
N LEU A 406 -4.46 -10.02 13.68
CA LEU A 406 -3.58 -9.22 12.85
C LEU A 406 -4.16 -7.80 12.82
N PRO A 407 -3.38 -6.73 13.16
CA PRO A 407 -3.92 -5.37 13.14
C PRO A 407 -4.14 -4.95 11.68
N ASP A 408 -4.98 -3.93 11.51
CA ASP A 408 -5.18 -3.28 10.22
C ASP A 408 -3.92 -2.43 10.01
N ALA A 409 -3.60 -2.19 8.73
CA ALA A 409 -2.44 -1.42 8.32
C ALA A 409 -2.33 -0.10 9.10
N TYR A 410 -3.43 0.64 9.15
CA TYR A 410 -3.48 1.95 9.79
C TYR A 410 -3.19 1.85 11.30
N GLU A 411 -3.61 0.77 11.98
CA GLU A 411 -3.20 0.57 13.36
C GLU A 411 -1.68 0.49 13.47
N ARG A 412 -1.05 -0.30 12.60
CA ARG A 412 0.40 -0.52 12.71
C ARG A 412 1.13 0.79 12.46
N LEU A 413 0.83 1.42 11.32
CA LEU A 413 1.54 2.57 10.82
C LEU A 413 1.44 3.77 11.78
N ILE A 414 0.23 4.08 12.23
CA ILE A 414 0.02 5.21 13.11
C ILE A 414 0.76 4.95 14.41
N LEU A 415 0.77 3.71 14.87
CA LEU A 415 1.61 3.39 15.98
C LEU A 415 3.09 3.67 15.67
N ASP A 416 3.53 3.35 14.46
CA ASP A 416 4.91 3.61 14.08
C ASP A 416 5.19 5.12 14.16
N VAL A 417 4.22 5.95 13.80
CA VAL A 417 4.46 7.39 13.82
C VAL A 417 4.63 7.88 15.25
N PHE A 418 3.99 7.26 16.25
CA PHE A 418 4.18 7.62 17.67
C PHE A 418 5.55 7.18 18.15
N CYS A 419 5.97 5.98 17.73
CA CYS A 419 7.21 5.34 18.16
C CYS A 419 8.40 5.87 17.32
N GLY A 420 8.10 6.65 16.27
CA GLY A 420 9.14 7.36 15.54
C GLY A 420 9.91 6.48 14.55
N SER A 421 9.22 5.52 13.91
CA SER A 421 9.76 4.54 13.00
C SER A 421 9.27 4.79 11.58
N GLN A 422 10.19 5.32 10.72
CA GLN A 422 9.88 5.65 9.33
C GLN A 422 10.07 4.49 8.33
N MET A 423 10.53 3.30 8.75
CA MET A 423 10.78 2.15 7.88
C MET A 423 9.68 1.88 6.83
N HIS A 424 8.42 2.13 7.15
CA HIS A 424 7.27 1.61 6.42
C HIS A 424 6.55 2.76 5.74
N PHE A 425 7.32 3.81 5.41
CA PHE A 425 6.82 5.11 5.01
C PHE A 425 7.68 5.62 3.86
N VAL A 426 7.03 6.05 2.77
CA VAL A 426 7.63 6.34 1.49
C VAL A 426 8.54 7.55 1.66
N ARG A 427 9.85 7.40 1.45
CA ARG A 427 10.77 8.53 1.52
C ARG A 427 10.68 9.33 0.21
N SER A 428 11.22 10.57 0.26
CA SER A 428 11.13 11.56 -0.82
C SER A 428 11.82 11.06 -2.08
N ASP A 429 13.04 10.54 -1.89
CA ASP A 429 13.85 10.03 -2.98
C ASP A 429 13.19 8.80 -3.60
N GLU A 430 12.60 7.94 -2.78
CA GLU A 430 11.88 6.75 -3.22
C GLU A 430 10.79 7.21 -4.19
N LEU A 431 10.04 8.23 -3.73
CA LEU A 431 8.85 8.67 -4.42
C LEU A 431 9.25 9.28 -5.75
N ARG A 432 10.36 10.01 -5.77
CA ARG A 432 10.89 10.52 -7.03
C ARG A 432 11.19 9.35 -7.99
N GLU A 433 11.96 8.37 -7.52
CA GLU A 433 12.30 7.23 -8.35
C GLU A 433 11.03 6.57 -8.95
N ALA A 434 9.99 6.43 -8.13
CA ALA A 434 8.78 5.75 -8.54
C ALA A 434 8.13 6.46 -9.73
N TRP A 435 8.19 7.80 -9.66
CA TRP A 435 7.56 8.62 -10.65
C TRP A 435 8.39 8.57 -11.94
N ARG A 436 9.72 8.55 -11.79
CA ARG A 436 10.61 8.54 -12.95
C ARG A 436 10.33 7.32 -13.84
N ILE A 437 10.12 6.15 -13.20
CA ILE A 437 9.93 4.90 -13.91
C ILE A 437 8.66 4.89 -14.78
N PHE A 438 7.59 5.53 -14.28
CA PHE A 438 6.26 5.37 -14.81
C PHE A 438 5.76 6.62 -15.54
N THR A 439 6.49 7.73 -15.38
CA THR A 439 5.96 9.01 -15.82
C THR A 439 5.88 9.03 -17.34
N PRO A 440 6.95 8.71 -18.11
CA PRO A 440 6.87 8.75 -19.58
C PRO A 440 5.86 7.78 -20.17
N LEU A 441 5.55 6.70 -19.41
CA LEU A 441 4.49 5.82 -19.81
C LEU A 441 3.14 6.51 -19.61
N LEU A 442 3.02 7.08 -18.43
CA LEU A 442 1.78 7.74 -18.06
C LEU A 442 1.35 8.80 -19.08
N HIS A 443 2.33 9.61 -19.54
CA HIS A 443 2.14 10.73 -20.44
C HIS A 443 1.85 10.25 -21.85
N GLN A 444 2.59 9.18 -22.25
CA GLN A 444 2.32 8.50 -23.50
C GLN A 444 0.85 8.14 -23.56
N ILE A 445 0.28 7.66 -22.46
CA ILE A 445 -1.12 7.23 -22.43
C ILE A 445 -2.06 8.43 -22.50
N GLU A 446 -1.80 9.45 -21.65
CA GLU A 446 -2.55 10.69 -21.68
C GLU A 446 -2.54 11.23 -23.12
N LEU A 447 -1.37 11.22 -23.83
CA LEU A 447 -1.23 11.90 -25.11
C LEU A 447 -2.04 11.16 -26.20
N GLU A 448 -1.66 9.90 -26.46
CA GLU A 448 -2.04 9.09 -27.61
C GLU A 448 -3.31 8.27 -27.35
N LYS A 449 -3.70 8.14 -26.07
CA LYS A 449 -5.01 7.66 -25.66
C LYS A 449 -5.31 6.30 -26.29
N PRO A 450 -4.49 5.25 -26.04
CA PRO A 450 -4.70 3.94 -26.67
C PRO A 450 -5.97 3.30 -26.11
N LYS A 451 -6.70 2.60 -26.97
CA LYS A 451 -7.88 1.85 -26.58
C LYS A 451 -7.42 0.67 -25.69
N PRO A 452 -7.86 0.52 -24.40
CA PRO A 452 -7.41 -0.58 -23.55
C PRO A 452 -8.14 -1.82 -24.04
N ILE A 453 -7.60 -3.00 -23.70
CA ILE A 453 -8.17 -4.24 -24.22
C ILE A 453 -9.38 -4.65 -23.38
N PRO A 454 -10.52 -4.95 -24.02
CA PRO A 454 -11.69 -5.43 -23.29
C PRO A 454 -11.46 -6.78 -22.57
N TYR A 455 -11.95 -6.88 -21.32
CA TYR A 455 -12.07 -8.16 -20.60
C TYR A 455 -13.34 -8.23 -19.75
N ILE A 456 -13.88 -9.44 -19.53
CA ILE A 456 -15.18 -9.61 -18.88
C ILE A 456 -15.03 -9.54 -17.36
N TYR A 457 -16.00 -8.85 -16.68
CA TYR A 457 -16.18 -8.77 -15.21
C TYR A 457 -15.98 -10.18 -14.66
N GLY A 458 -14.93 -10.39 -13.81
CA GLY A 458 -14.71 -11.69 -13.17
C GLY A 458 -13.73 -12.61 -13.91
N SER A 459 -13.22 -12.20 -15.06
CA SER A 459 -12.18 -12.93 -15.78
C SER A 459 -10.83 -12.68 -15.08
N ARG A 460 -9.76 -13.27 -15.60
CA ARG A 460 -8.42 -13.04 -15.08
C ARG A 460 -7.80 -11.81 -15.74
N GLY A 461 -8.62 -11.07 -16.52
CA GLY A 461 -8.17 -9.93 -17.30
C GLY A 461 -7.80 -10.32 -18.72
N PRO A 462 -7.22 -9.42 -19.54
CA PRO A 462 -6.91 -9.72 -20.93
C PRO A 462 -5.87 -10.82 -21.18
N THR A 463 -6.11 -11.69 -22.19
CA THR A 463 -5.25 -12.85 -22.40
C THR A 463 -3.87 -12.37 -22.83
N GLU A 464 -3.79 -11.16 -23.39
CA GLU A 464 -2.51 -10.60 -23.86
C GLU A 464 -1.54 -10.44 -22.69
N ALA A 465 -2.06 -10.27 -21.45
CA ALA A 465 -1.21 -10.25 -20.28
C ALA A 465 -0.42 -11.55 -20.12
N ASP A 466 -1.09 -12.69 -20.40
CA ASP A 466 -0.46 -13.99 -20.22
C ASP A 466 0.67 -14.17 -21.25
N GLU A 467 0.42 -13.80 -22.51
CA GLU A 467 1.40 -13.79 -23.59
C GLU A 467 2.64 -12.93 -23.30
N LEU A 468 2.45 -11.79 -22.64
CA LEU A 468 3.55 -10.96 -22.19
C LEU A 468 4.39 -11.72 -21.14
N MET A 469 3.73 -12.32 -20.14
CA MET A 469 4.44 -13.03 -19.09
C MET A 469 5.21 -14.21 -19.69
N LYS A 470 4.55 -14.95 -20.58
CA LYS A 470 5.21 -16.04 -21.28
C LYS A 470 6.37 -15.55 -22.14
N ARG A 471 6.27 -14.36 -22.73
CA ARG A 471 7.31 -13.91 -23.63
C ARG A 471 8.58 -13.55 -22.84
N VAL A 472 8.47 -13.12 -21.57
CA VAL A 472 9.65 -12.76 -20.78
C VAL A 472 10.16 -13.98 -19.98
N GLY A 473 9.49 -15.14 -20.09
CA GLY A 473 10.01 -16.39 -19.57
C GLY A 473 9.27 -16.96 -18.35
N PHE A 474 8.07 -16.44 -18.00
CA PHE A 474 7.16 -17.18 -17.13
C PHE A 474 6.57 -18.38 -17.87
N GLN A 475 6.44 -19.50 -17.14
CA GLN A 475 5.95 -20.78 -17.62
C GLN A 475 4.80 -21.25 -16.76
N TYR A 476 3.61 -21.37 -17.38
CA TYR A 476 2.39 -21.80 -16.71
C TYR A 476 2.04 -23.17 -17.26
N GLU A 477 1.51 -24.02 -16.37
CA GLU A 477 1.51 -25.46 -16.56
C GLU A 477 0.06 -25.88 -16.83
N GLY A 478 -0.79 -25.83 -15.81
CA GLY A 478 -2.09 -26.51 -15.81
C GLY A 478 -2.13 -27.65 -14.79
N THR A 479 -0.93 -28.10 -14.36
CA THR A 479 -0.71 -29.41 -13.76
C THR A 479 -0.82 -29.33 -12.23
N TYR A 480 -0.50 -28.19 -11.59
CA TYR A 480 -0.50 -28.09 -10.12
C TYR A 480 -1.92 -28.09 -9.54
N LYS A 481 -2.34 -29.29 -9.07
CA LYS A 481 -3.54 -29.46 -8.28
C LYS A 481 -3.21 -29.34 -6.78
N TRP A 482 -3.82 -28.35 -6.09
CA TRP A 482 -3.80 -28.25 -4.63
C TRP A 482 -5.11 -28.79 -4.05
N VAL A 483 -5.02 -29.46 -2.87
CA VAL A 483 -6.18 -29.72 -2.03
C VAL A 483 -5.87 -29.36 -0.56
N ASN A 484 -6.83 -28.63 0.09
CA ASN A 484 -7.03 -28.50 1.55
C ASN A 484 -6.78 -27.04 1.98
PA NAP B . -1.05 -21.92 -10.13
O1A NAP B . 0.03 -22.63 -10.89
O2A NAP B . -2.48 -22.32 -10.41
O5B NAP B . -0.91 -20.34 -10.36
C5B NAP B . 0.29 -19.90 -11.05
C4B NAP B . 0.11 -18.56 -11.70
O4B NAP B . -0.11 -18.74 -13.12
C3B NAP B . -1.08 -17.67 -11.26
O3B NAP B . -0.46 -16.56 -10.62
C2B NAP B . -1.84 -17.42 -12.58
O2B NAP B . -2.47 -16.13 -12.51
C1B NAP B . -0.69 -17.55 -13.57
N9A NAP B . -0.91 -17.71 -15.02
C8A NAP B . -0.10 -17.21 -16.03
N7A NAP B . -0.42 -17.62 -17.24
C5A NAP B . -1.53 -18.42 -17.02
C6A NAP B . -2.40 -19.08 -17.91
N6A NAP B . -2.25 -19.05 -19.23
N1A NAP B . -3.43 -19.78 -17.37
C2A NAP B . -3.58 -19.76 -16.03
N3A NAP B . -2.83 -19.17 -15.10
C4A NAP B . -1.83 -18.50 -15.67
O3 NAP B . -0.67 -22.13 -8.57
PN NAP B . -1.06 -21.38 -7.21
O1N NAP B . -1.96 -20.26 -7.59
O2N NAP B . 0.15 -21.00 -6.42
O5D NAP B . -1.89 -22.51 -6.45
C5D NAP B . -3.16 -23.05 -6.93
C4D NAP B . -4.23 -22.86 -5.88
O4D NAP B . -3.87 -23.55 -4.67
C3D NAP B . -4.53 -21.39 -5.47
O3D NAP B . -5.91 -21.13 -5.43
C2D NAP B . -3.92 -21.26 -4.06
O2D NAP B . -4.61 -20.35 -3.21
C1D NAP B . -4.08 -22.69 -3.54
N1N NAP B . -3.11 -22.99 -2.45
C2N NAP B . -3.38 -22.52 -1.17
C3N NAP B . -2.46 -22.78 -0.15
C7N NAP B . -2.72 -22.25 1.22
O7N NAP B . -2.81 -21.03 1.38
N7N NAP B . -2.81 -23.10 2.25
C4N NAP B . -1.27 -23.46 -0.43
C5N NAP B . -1.01 -23.91 -1.70
C6N NAP B . -1.93 -23.66 -2.72
P2B NAP B . -3.62 -15.90 -11.38
O1X NAP B . -4.32 -17.22 -11.12
O2X NAP B . -3.04 -15.29 -10.12
O3X NAP B . -4.49 -14.91 -12.13
#